data_7HJW
#
_entry.id   7HJW
#
_cell.length_a   26.340
_cell.length_b   47.368
_cell.length_c   46.297
_cell.angle_alpha   90.000
_cell.angle_beta   103.430
_cell.angle_gamma   90.000
#
_symmetry.space_group_name_H-M   'P 1 21 1'
#
loop_
_entity.id
_entity.type
_entity.pdbx_description
1 polymer 'De novo designed ABLE protein'
2 non-polymer 4-FLUOROBENZENESULFONAMIDE
3 water water
#
_entity_poly.entity_id   1
_entity_poly.type   'polypeptide(L)'
_entity_poly.pdbx_seq_one_letter_code
;SVKSEYAEAAAVGQEAVAVFNTMKAAFQNGDKEAVAQYLARLASLYTRHEELLNRILEKARREGNKEAVTLMNEFTATFQ
TGKSIFNAMVAAFKNGDDDSFESYLQALEKVTAKGETLADQIAKAL
;
_entity_poly.pdbx_strand_id   A
#
# COMPACT_ATOMS: atom_id res chain seq x y z
N SER A 1 -21.95 1.93 -4.35
CA SER A 1 -21.35 2.99 -5.20
C SER A 1 -19.84 2.86 -5.26
N VAL A 2 -19.23 3.67 -6.13
CA VAL A 2 -17.78 3.74 -6.18
C VAL A 2 -17.26 4.21 -4.83
N LYS A 3 -18.05 5.02 -4.11
N LYS A 3 -18.06 5.00 -4.10
CA LYS A 3 -17.59 5.56 -2.85
CA LYS A 3 -17.61 5.52 -2.82
C LYS A 3 -17.56 4.49 -1.76
C LYS A 3 -17.59 4.42 -1.75
N SER A 4 -18.56 3.61 -1.73
N SER A 4 -18.62 3.56 -1.73
CA SER A 4 -18.52 2.47 -0.82
CA SER A 4 -18.58 2.41 -0.84
C SER A 4 -17.46 1.46 -1.24
C SER A 4 -17.49 1.42 -1.24
N GLU A 5 -17.22 1.32 -2.54
CA GLU A 5 -16.10 0.50 -2.98
C GLU A 5 -14.78 1.13 -2.55
N TYR A 6 -14.70 2.45 -2.46
CA TYR A 6 -13.44 3.04 -1.98
C TYR A 6 -13.29 2.80 -0.49
N ALA A 7 -14.38 2.83 0.28
N ALA A 7 -14.38 2.82 0.27
CA ALA A 7 -14.29 2.54 1.71
CA ALA A 7 -14.29 2.54 1.71
C ALA A 7 -13.83 1.11 1.95
C ALA A 7 -13.83 1.11 1.95
N GLU A 8 -14.28 0.17 1.12
CA GLU A 8 -13.81 -1.20 1.23
C GLU A 8 -12.32 -1.27 0.92
N ALA A 9 -11.88 -0.58 -0.13
CA ALA A 9 -10.47 -0.50 -0.46
C ALA A 9 -9.68 0.13 0.67
N ALA A 10 -10.22 1.20 1.27
N ALA A 10 -10.23 1.19 1.27
CA ALA A 10 -9.52 1.85 2.37
CA ALA A 10 -9.53 1.85 2.36
C ALA A 10 -9.34 0.89 3.54
C ALA A 10 -9.35 0.91 3.55
N ALA A 11 -10.36 0.08 3.83
CA ALA A 11 -10.25 -0.87 4.94
C ALA A 11 -9.15 -1.90 4.68
N VAL A 12 -9.11 -2.45 3.47
CA VAL A 12 -8.05 -3.39 3.09
C VAL A 12 -6.68 -2.73 3.24
N GLY A 13 -6.58 -1.45 2.83
CA GLY A 13 -5.31 -0.76 3.03
C GLY A 13 -4.93 -0.66 4.50
N GLN A 14 -5.92 -0.38 5.37
N GLN A 14 -5.93 -0.38 5.36
CA GLN A 14 -5.66 -0.29 6.80
CA GLN A 14 -5.66 -0.29 6.80
C GLN A 14 -5.31 -1.66 7.39
C GLN A 14 -5.31 -1.65 7.38
N GLU A 15 -5.87 -2.74 6.83
CA GLU A 15 -5.47 -4.07 7.28
C GLU A 15 -4.00 -4.31 7.00
N ALA A 16 -3.54 -3.86 5.83
CA ALA A 16 -2.12 -4.03 5.53
C ALA A 16 -1.27 -3.18 6.43
N VAL A 17 -1.72 -1.98 6.79
CA VAL A 17 -0.98 -1.17 7.77
C VAL A 17 -0.83 -1.95 9.09
N ALA A 18 -1.93 -2.53 9.56
CA ALA A 18 -1.88 -3.24 10.84
C ALA A 18 -0.92 -4.41 10.76
N VAL A 19 -1.03 -5.22 9.71
N VAL A 19 -1.01 -5.22 9.72
CA VAL A 19 -0.14 -6.38 9.57
CA VAL A 19 -0.12 -6.38 9.62
C VAL A 19 1.31 -5.93 9.42
C VAL A 19 1.32 -5.93 9.39
N PHE A 20 1.53 -4.80 8.74
N PHE A 20 1.51 -4.85 8.62
CA PHE A 20 2.90 -4.31 8.57
CA PHE A 20 2.87 -4.33 8.40
C PHE A 20 3.54 -4.00 9.91
C PHE A 20 3.50 -3.87 9.71
N ASN A 21 2.83 -3.25 10.76
N ASN A 21 2.70 -3.32 10.63
CA ASN A 21 3.41 -2.89 12.04
CA ASN A 21 3.26 -2.88 11.89
C ASN A 21 3.69 -4.12 12.90
C ASN A 21 3.51 -4.03 12.85
N THR A 22 2.76 -5.08 12.90
N THR A 22 2.73 -5.11 12.77
CA THR A 22 3.05 -6.35 13.56
CA THR A 22 3.03 -6.31 13.53
C THR A 22 4.31 -6.98 12.98
C THR A 22 4.23 -7.05 12.97
N MET A 23 4.43 -6.96 11.66
CA MET A 23 5.60 -7.58 11.04
C MET A 23 6.89 -6.85 11.42
N LYS A 24 6.85 -5.52 11.45
CA LYS A 24 8.02 -4.73 11.84
C LYS A 24 8.45 -5.09 13.26
N ALA A 25 7.48 -5.24 14.17
N ALA A 25 7.48 -5.24 14.17
CA ALA A 25 7.81 -5.66 15.52
CA ALA A 25 7.83 -5.65 15.53
C ALA A 25 8.49 -7.03 15.51
C ALA A 25 8.48 -7.03 15.53
N ALA A 26 7.94 -7.96 14.75
CA ALA A 26 8.50 -9.32 14.70
C ALA A 26 9.90 -9.30 14.10
N PHE A 27 10.11 -8.50 13.05
CA PHE A 27 11.46 -8.36 12.47
C PHE A 27 12.44 -7.86 13.52
N GLN A 28 12.07 -6.79 14.23
N GLN A 28 12.08 -6.78 14.23
CA GLN A 28 12.98 -6.24 15.22
CA GLN A 28 12.99 -6.24 15.22
C GLN A 28 13.32 -7.28 16.28
C GLN A 28 13.32 -7.28 16.28
N ASN A 29 12.34 -8.10 16.65
CA ASN A 29 12.53 -9.15 17.65
C ASN A 29 13.23 -10.38 17.11
N GLY A 30 13.44 -10.48 15.80
CA GLY A 30 14.16 -11.62 15.26
C GLY A 30 13.32 -12.87 15.08
N ASP A 31 11.98 -12.72 15.04
CA ASP A 31 11.06 -13.85 14.88
C ASP A 31 10.82 -14.03 13.38
N LYS A 32 11.78 -14.68 12.71
N LYS A 32 11.81 -14.63 12.71
CA LYS A 32 11.74 -14.80 11.25
CA LYS A 32 11.79 -14.72 11.25
C LYS A 32 10.58 -15.67 10.78
C LYS A 32 10.63 -15.59 10.76
N GLU A 33 10.18 -16.67 11.55
N GLU A 33 10.25 -16.62 11.52
CA GLU A 33 9.04 -17.50 11.15
CA GLU A 33 9.11 -17.43 11.14
C GLU A 33 7.75 -16.69 11.12
C GLU A 33 7.85 -16.58 11.04
N ALA A 34 7.60 -15.75 12.06
CA ALA A 34 6.45 -14.86 12.01
C ALA A 34 6.57 -13.92 10.83
N VAL A 35 7.74 -13.33 10.65
CA VAL A 35 7.91 -12.39 9.54
C VAL A 35 7.52 -13.05 8.22
N ALA A 36 7.99 -14.28 7.98
CA ALA A 36 7.66 -14.96 6.73
C ALA A 36 6.15 -15.00 6.50
N GLN A 37 5.41 -15.38 7.53
N GLN A 37 5.40 -15.36 7.54
CA GLN A 37 3.95 -15.47 7.43
CA GLN A 37 3.96 -15.47 7.40
C GLN A 37 3.34 -14.10 7.19
C GLN A 37 3.31 -14.10 7.22
N TYR A 38 3.78 -13.09 7.95
CA TYR A 38 3.24 -11.76 7.75
C TYR A 38 3.54 -11.24 6.35
N LEU A 39 4.74 -11.53 5.81
CA LEU A 39 5.01 -11.08 4.43
C LEU A 39 4.05 -11.74 3.43
N ALA A 40 3.74 -13.02 3.61
CA ALA A 40 2.77 -13.67 2.73
C ALA A 40 1.39 -13.03 2.86
N ARG A 41 0.99 -12.70 4.09
N ARG A 41 0.98 -12.73 4.10
CA ARG A 41 -0.31 -12.06 4.30
CA ARG A 41 -0.31 -12.09 4.34
C ARG A 41 -0.35 -10.67 3.66
C ARG A 41 -0.35 -10.72 3.69
N LEU A 42 0.75 -9.92 3.79
N LEU A 42 0.74 -9.95 3.82
CA LEU A 42 0.85 -8.61 3.16
CA LEU A 42 0.82 -8.65 3.17
C LEU A 42 0.81 -8.72 1.64
C LEU A 42 0.76 -8.76 1.65
N ALA A 43 1.44 -9.75 1.07
CA ALA A 43 1.41 -9.88 -0.40
C ALA A 43 -0.03 -10.05 -0.86
N SER A 44 -0.80 -10.88 -0.15
N SER A 44 -0.80 -10.85 -0.13
CA SER A 44 -2.18 -11.11 -0.53
CA SER A 44 -2.20 -11.06 -0.47
C SER A 44 -3.02 -9.85 -0.34
C SER A 44 -3.01 -9.77 -0.34
N LEU A 45 -2.75 -9.10 0.73
N LEU A 45 -2.84 -9.06 0.77
CA LEU A 45 -3.48 -7.85 0.96
CA LEU A 45 -3.60 -7.83 1.01
C LEU A 45 -3.16 -6.82 -0.13
C LEU A 45 -3.22 -6.73 0.01
N TYR A 46 -1.88 -6.61 -0.43
N TYR A 46 -1.95 -6.69 -0.41
CA TYR A 46 -1.54 -5.64 -1.47
CA TYR A 46 -1.55 -5.69 -1.40
C TYR A 46 -2.14 -6.05 -2.81
C TYR A 46 -2.04 -6.05 -2.79
N THR A 47 -2.11 -7.35 -3.11
CA THR A 47 -2.71 -7.79 -4.38
C THR A 47 -4.20 -7.43 -4.41
N ARG A 48 -4.93 -7.71 -3.32
N ARG A 48 -4.92 -7.66 -3.29
CA ARG A 48 -6.34 -7.35 -3.25
CA ARG A 48 -6.35 -7.36 -3.23
C ARG A 48 -6.51 -5.85 -3.42
C ARG A 48 -6.61 -5.86 -3.19
N HIS A 49 -5.81 -5.07 -2.60
N HIS A 49 -5.71 -5.08 -2.59
CA HIS A 49 -5.95 -3.61 -2.65
CA HIS A 49 -5.88 -3.64 -2.61
C HIS A 49 -5.72 -3.09 -4.06
C HIS A 49 -5.68 -3.09 -4.02
N GLU A 50 -4.66 -3.59 -4.72
CA GLU A 50 -4.36 -3.14 -6.08
C GLU A 50 -5.55 -3.42 -6.99
N GLU A 51 -6.17 -4.59 -6.84
N GLU A 51 -6.17 -4.58 -6.84
CA GLU A 51 -7.31 -4.92 -7.70
CA GLU A 51 -7.31 -4.92 -7.70
C GLU A 51 -8.49 -3.97 -7.45
C GLU A 51 -8.50 -3.99 -7.45
N LEU A 52 -8.80 -3.70 -6.18
CA LEU A 52 -9.89 -2.77 -5.86
C LEU A 52 -9.61 -1.38 -6.38
N LEU A 53 -8.37 -0.92 -6.25
CA LEU A 53 -8.01 0.41 -6.72
C LEU A 53 -8.16 0.47 -8.23
N ASN A 54 -7.81 -0.60 -8.94
CA ASN A 54 -7.94 -0.55 -10.39
C ASN A 54 -9.40 -0.48 -10.79
N ARG A 55 -10.25 -1.23 -10.10
CA ARG A 55 -11.67 -1.18 -10.42
C ARG A 55 -12.26 0.20 -10.16
N ILE A 56 -11.84 0.84 -9.08
CA ILE A 56 -12.30 2.18 -8.76
C ILE A 56 -11.87 3.16 -9.85
N LEU A 57 -10.60 3.08 -10.26
CA LEU A 57 -10.10 3.99 -11.30
C LEU A 57 -10.82 3.76 -12.61
N GLU A 58 -11.01 2.50 -12.99
CA GLU A 58 -11.73 2.23 -14.24
C GLU A 58 -13.17 2.74 -14.18
N LYS A 59 -13.82 2.63 -13.03
CA LYS A 59 -15.19 3.11 -12.89
C LYS A 59 -15.24 4.63 -12.93
N ALA A 60 -14.30 5.29 -12.25
CA ALA A 60 -14.23 6.73 -12.36
C ALA A 60 -14.04 7.18 -13.80
N ARG A 61 -13.24 6.44 -14.57
N ARG A 61 -13.26 6.42 -14.58
CA ARG A 61 -13.05 6.77 -15.98
CA ARG A 61 -13.03 6.74 -15.99
C ARG A 61 -14.39 6.66 -16.72
C ARG A 61 -14.30 6.56 -16.83
N ARG A 62 -15.07 5.52 -16.56
N ARG A 62 -15.08 5.53 -16.54
CA ARG A 62 -16.33 5.31 -17.27
CA ARG A 62 -16.33 5.31 -17.27
C ARG A 62 -17.38 6.34 -16.87
C ARG A 62 -17.40 6.32 -16.86
N GLU A 63 -17.30 6.85 -15.65
CA GLU A 63 -18.20 7.88 -15.15
C GLU A 63 -17.80 9.28 -15.59
N GLY A 64 -16.65 9.43 -16.25
CA GLY A 64 -16.15 10.74 -16.63
C GLY A 64 -15.80 11.66 -15.47
N ASN A 65 -15.42 11.11 -14.32
CA ASN A 65 -15.13 11.92 -13.14
C ASN A 65 -13.67 12.33 -13.25
N LYS A 66 -13.43 13.42 -13.99
N LYS A 66 -13.43 13.41 -13.99
CA LYS A 66 -12.06 13.74 -14.38
CA LYS A 66 -12.07 13.79 -14.35
C LYS A 66 -11.17 14.00 -13.17
C LYS A 66 -11.20 13.98 -13.11
N GLU A 67 -11.69 14.70 -12.15
N GLU A 67 -11.71 14.69 -12.11
CA GLU A 67 -10.84 14.93 -10.99
CA GLU A 67 -10.86 14.96 -10.95
C GLU A 67 -10.51 13.62 -10.29
C GLU A 67 -10.53 13.67 -10.20
N ALA A 68 -11.49 12.75 -10.07
CA ALA A 68 -11.17 11.49 -9.41
C ALA A 68 -10.17 10.67 -10.23
N VAL A 69 -10.29 10.71 -11.56
CA VAL A 69 -9.35 9.97 -12.40
C VAL A 69 -7.94 10.51 -12.24
N THR A 70 -7.78 11.85 -12.27
CA THR A 70 -6.45 12.45 -12.06
C THR A 70 -5.83 11.99 -10.74
N LEU A 71 -6.58 12.11 -9.65
CA LEU A 71 -6.10 11.75 -8.33
C LEU A 71 -5.80 10.27 -8.25
N MET A 72 -6.65 9.44 -8.84
N MET A 72 -6.65 9.44 -8.83
CA MET A 72 -6.43 8.00 -8.81
CA MET A 72 -6.43 7.99 -8.77
C MET A 72 -5.22 7.60 -9.66
C MET A 72 -5.26 7.56 -9.64
N ASN A 73 -5.02 8.25 -10.82
N ASN A 73 -4.99 8.26 -10.75
CA ASN A 73 -3.83 7.96 -11.62
CA ASN A 73 -3.73 8.01 -11.46
C ASN A 73 -2.54 8.21 -10.83
C ASN A 73 -2.54 8.39 -10.58
N GLU A 74 -2.49 9.31 -10.07
N GLU A 74 -2.59 9.56 -9.94
CA GLU A 74 -1.31 9.60 -9.24
CA GLU A 74 -1.51 9.93 -9.02
C GLU A 74 -1.20 8.60 -8.10
C GLU A 74 -1.36 8.90 -7.91
N PHE A 75 -2.30 8.36 -7.40
N PHE A 75 -2.49 8.34 -7.44
CA PHE A 75 -2.29 7.48 -6.24
CA PHE A 75 -2.41 7.36 -6.36
C PHE A 75 -1.90 6.07 -6.63
C PHE A 75 -1.83 6.04 -6.85
N THR A 76 -2.36 5.59 -7.79
N THR A 76 -2.38 5.49 -7.93
CA THR A 76 -1.93 4.27 -8.24
CA THR A 76 -1.94 4.16 -8.37
C THR A 76 -0.44 4.28 -8.59
C THR A 76 -0.48 4.18 -8.85
N ALA A 77 0.05 5.35 -9.20
CA ALA A 77 1.48 5.43 -9.49
C ALA A 77 2.28 5.28 -8.22
N THR A 78 1.85 5.98 -7.16
N THR A 78 1.92 6.02 -7.17
CA THR A 78 2.53 5.89 -5.86
CA THR A 78 2.65 5.87 -5.93
C THR A 78 2.42 4.49 -5.29
C THR A 78 2.45 4.48 -5.34
N PHE A 79 1.21 3.92 -5.29
N PHE A 79 1.34 3.82 -5.70
CA PHE A 79 1.02 2.54 -4.81
CA PHE A 79 1.14 2.42 -5.30
C PHE A 79 2.08 1.62 -5.41
C PHE A 79 2.15 1.50 -5.97
N GLN A 80 2.28 1.72 -6.73
N GLN A 80 2.53 1.79 -7.21
CA GLN A 80 3.31 0.88 -7.38
CA GLN A 80 3.52 0.95 -7.88
C GLN A 80 4.71 1.14 -6.82
C GLN A 80 4.91 1.10 -7.25
N THR A 81 5.01 2.38 -6.42
N THR A 81 5.24 2.31 -6.80
CA THR A 81 6.30 2.64 -5.79
CA THR A 81 6.47 2.51 -6.03
C THR A 81 6.40 1.94 -4.45
C THR A 81 6.49 1.55 -4.84
N GLY A 82 5.32 1.96 -3.68
N GLY A 82 5.42 1.55 -4.05
CA GLY A 82 5.29 1.17 -2.46
CA GLY A 82 5.36 0.69 -2.88
C GLY A 82 5.39 -0.31 -2.75
C GLY A 82 5.50 -0.78 -3.26
N LYS A 83 4.73 -0.77 -3.80
N LYS A 83 4.80 -1.19 -4.31
CA LYS A 83 4.77 -2.20 -4.14
CA LYS A 83 4.87 -2.57 -4.78
C LYS A 83 6.18 -2.66 -4.52
C LYS A 83 6.31 -2.95 -5.14
N SER A 84 6.89 -1.89 -5.34
N SER A 84 7.04 -2.06 -5.82
CA SER A 84 8.25 -2.26 -5.68
CA SER A 84 8.41 -2.37 -6.19
C SER A 84 9.13 -2.31 -4.44
C SER A 84 9.30 -2.49 -4.97
N ILE A 85 8.97 -1.35 -3.54
N ILE A 85 9.18 -1.57 -4.02
CA ILE A 85 9.76 -1.34 -2.32
CA ILE A 85 9.99 -1.64 -2.81
C ILE A 85 9.43 -2.56 -1.47
C ILE A 85 9.57 -2.84 -1.96
N PHE A 86 8.15 -2.94 -1.40
N PHE A 86 8.27 -3.11 -1.90
CA PHE A 86 7.77 -4.13 -0.66
CA PHE A 86 7.80 -4.28 -1.16
C PHE A 86 8.40 -5.38 -1.26
C PHE A 86 8.40 -5.54 -1.74
N ASN A 87 8.36 -5.50 -2.58
N ASN A 87 8.39 -5.69 -3.05
CA ASN A 87 8.90 -6.69 -3.22
CA ASN A 87 9.07 -6.84 -3.64
C ASN A 87 10.41 -6.79 -2.99
C ASN A 87 10.53 -6.86 -3.26
N ALA A 88 11.14 -5.68 -3.10
CA ALA A 88 12.56 -5.67 -2.76
C ALA A 88 12.76 -6.13 -1.32
N MET A 89 11.87 -5.72 -0.41
CA MET A 89 11.96 -6.11 0.98
C MET A 89 11.80 -7.62 1.12
N VAL A 90 10.83 -8.18 0.40
CA VAL A 90 10.64 -9.62 0.42
C VAL A 90 11.90 -10.34 -0.03
N ALA A 91 12.55 -9.83 -1.08
CA ALA A 91 13.77 -10.44 -1.57
C ALA A 91 14.88 -10.30 -0.57
N ALA A 92 14.96 -9.16 0.12
CA ALA A 92 15.96 -9.00 1.16
C ALA A 92 15.76 -10.03 2.26
N PHE A 93 14.51 -10.33 2.58
CA PHE A 93 14.25 -11.33 3.61
C PHE A 93 14.68 -12.71 3.16
N LYS A 94 14.34 -13.07 1.92
N LYS A 94 14.34 -13.07 1.91
CA LYS A 94 14.76 -14.36 1.37
CA LYS A 94 14.75 -14.35 1.35
C LYS A 94 16.28 -14.47 1.41
C LYS A 94 16.27 -14.49 1.35
N ASN A 95 16.98 -13.40 1.06
CA ASN A 95 18.45 -13.42 0.97
C ASN A 95 19.14 -13.30 2.33
N GLY A 96 18.39 -13.07 3.41
CA GLY A 96 19.01 -12.88 4.72
C GLY A 96 19.72 -11.55 4.91
N ASP A 97 19.30 -10.52 4.18
N ASP A 97 19.31 -10.52 4.17
CA ASP A 97 19.98 -9.22 4.16
CA ASP A 97 19.94 -9.21 4.23
C ASP A 97 19.21 -8.22 5.02
C ASP A 97 19.09 -8.33 5.14
N ASP A 98 19.43 -8.30 6.34
N ASP A 98 19.45 -8.29 6.42
CA ASP A 98 18.67 -7.49 7.28
CA ASP A 98 18.69 -7.48 7.36
C ASP A 98 18.92 -6.00 7.06
C ASP A 98 18.94 -5.99 7.15
N ASP A 99 20.12 -5.63 6.62
CA ASP A 99 20.40 -4.23 6.38
C ASP A 99 19.49 -3.67 5.27
N SER A 100 19.38 -4.39 4.16
CA SER A 100 18.45 -3.97 3.11
C SER A 100 17.01 -4.03 3.58
N PHE A 101 16.66 -5.06 4.35
CA PHE A 101 15.29 -5.16 4.85
C PHE A 101 14.91 -3.93 5.68
N GLU A 102 15.77 -3.53 6.61
N GLU A 102 15.77 -3.54 6.62
CA GLU A 102 15.53 -2.33 7.39
CA GLU A 102 15.51 -2.35 7.42
C GLU A 102 15.34 -1.11 6.49
C GLU A 102 15.33 -1.13 6.54
N SER A 103 16.24 -0.96 5.51
N SER A 103 16.21 -0.97 5.55
CA SER A 103 16.18 0.17 4.59
CA SER A 103 16.14 0.18 4.65
C SER A 103 14.83 0.20 3.87
C SER A 103 14.81 0.20 3.91
N TYR A 104 14.48 -0.92 3.24
CA TYR A 104 13.21 -0.98 2.50
C TYR A 104 12.01 -0.76 3.42
N LEU A 105 12.09 -1.27 4.65
N LEU A 105 12.08 -1.30 4.64
CA LEU A 105 10.99 -1.10 5.59
CA LEU A 105 10.98 -1.10 5.58
C LEU A 105 10.70 0.38 5.84
C LEU A 105 10.80 0.38 5.87
N GLN A 106 11.74 1.16 6.21
N GLN A 106 11.90 1.12 6.03
CA GLN A 106 11.58 2.58 6.46
CA GLN A 106 11.83 2.57 6.21
C GLN A 106 11.10 3.32 5.21
C GLN A 106 11.28 3.24 4.97
N ALA A 107 11.68 3.01 4.06
N ALA A 107 11.66 2.76 3.78
CA ALA A 107 11.26 3.69 2.83
CA ALA A 107 11.16 3.35 2.54
C ALA A 107 9.81 3.39 2.51
C ALA A 107 9.64 3.22 2.44
N LEU A 108 9.35 2.18 2.78
N LEU A 108 9.11 2.03 2.72
CA LEU A 108 7.94 1.86 2.52
CA LEU A 108 7.67 1.84 2.58
C LEU A 108 7.03 2.58 3.50
C LEU A 108 6.90 2.78 3.49
N GLU A 109 7.51 2.86 4.71
N GLU A 109 7.40 2.98 4.71
CA GLU A 109 6.73 3.65 5.66
CA GLU A 109 6.76 3.91 5.63
C GLU A 109 6.58 5.09 5.17
C GLU A 109 6.70 5.31 5.04
N LYS A 110 7.70 5.69 4.73
N LYS A 110 7.70 5.70 4.25
CA LYS A 110 7.66 7.10 4.32
CA LYS A 110 7.68 7.01 3.63
C LYS A 110 6.85 7.28 3.03
C LYS A 110 6.73 7.03 2.43
N VAL A 111 6.99 6.34 2.09
N VAL A 111 6.70 5.96 1.64
CA VAL A 111 6.18 6.41 0.88
CA VAL A 111 5.73 5.88 0.55
C VAL A 111 4.70 6.31 1.23
C VAL A 111 4.31 5.90 1.10
N THR A 112 4.34 5.42 2.15
N THR A 112 4.08 5.19 2.20
CA THR A 112 2.95 5.29 2.55
CA THR A 112 2.74 5.14 2.78
C THR A 112 2.47 6.54 3.28
C THR A 112 2.37 6.47 3.43
N ALA A 113 3.29 7.07 4.20
CA ALA A 113 2.94 8.29 4.90
C ALA A 113 2.69 9.43 3.91
N LYS A 114 3.55 9.57 2.91
N LYS A 114 3.54 9.57 2.91
CA LYS A 114 3.36 10.65 1.94
CA LYS A 114 3.37 10.66 1.93
C LYS A 114 2.03 10.51 1.21
C LYS A 114 2.02 10.54 1.23
N GLY A 115 1.68 9.29 0.80
N GLY A 115 1.69 9.36 0.72
CA GLY A 115 0.51 9.08 -0.02
CA GLY A 115 0.51 9.19 -0.12
C GLY A 115 -0.80 9.06 0.73
C GLY A 115 -0.81 9.23 0.60
N GLU A 116 -0.85 9.71 1.90
N GLU A 116 -0.83 9.70 1.85
CA GLU A 116 -2.08 9.71 2.69
CA GLU A 116 -2.05 9.65 2.64
C GLU A 116 -2.94 10.94 2.48
C GLU A 116 -2.94 10.87 2.43
N THR A 117 -2.34 12.10 2.22
N THR A 117 -2.36 12.05 2.21
CA THR A 117 -3.19 13.24 1.92
CA THR A 117 -3.21 13.20 1.94
C THR A 117 -3.94 13.05 0.61
C THR A 117 -3.95 13.02 0.62
N LEU A 118 -3.34 12.34 -0.35
CA LEU A 118 -4.04 12.02 -1.59
C LEU A 118 -5.16 11.01 -1.35
N ALA A 119 -4.88 9.97 -0.54
N ALA A 119 -4.88 9.97 -0.55
CA ALA A 119 -5.90 8.97 -0.25
CA ALA A 119 -5.90 8.98 -0.26
C ALA A 119 -7.17 9.63 0.29
C ALA A 119 -7.15 9.64 0.33
N ASP A 120 -7.02 10.58 1.21
N ASP A 120 -6.95 10.61 1.22
CA ASP A 120 -8.17 11.29 1.72
CA ASP A 120 -8.08 11.35 1.77
C ASP A 120 -8.82 12.15 0.64
C ASP A 120 -8.72 12.24 0.71
N GLN A 121 -8.02 12.75 -0.25
N GLN A 121 -7.93 12.74 -0.25
CA GLN A 121 -8.59 13.59 -1.32
CA GLN A 121 -8.50 13.58 -1.32
C GLN A 121 -9.45 12.78 -2.26
C GLN A 121 -9.42 12.77 -2.22
N ILE A 122 -9.07 11.52 -2.52
N ILE A 122 -9.05 11.53 -2.52
CA ILE A 122 -9.84 10.67 -3.42
CA ILE A 122 -9.83 10.71 -3.44
C ILE A 122 -11.20 10.35 -2.81
C ILE A 122 -11.23 10.48 -2.86
N ALA A 123 -11.24 10.06 -1.52
N ALA A 123 -11.29 10.10 -1.58
CA ALA A 123 -12.51 9.78 -0.86
CA ALA A 123 -12.58 9.87 -0.94
C ALA A 123 -13.51 10.90 -1.11
C ALA A 123 -13.51 11.05 -1.18
N LYS A 124 -13.05 12.15 -1.05
N LYS A 124 -13.00 12.27 -1.00
CA LYS A 124 -13.94 13.28 -1.22
CA LYS A 124 -13.81 13.46 -1.16
C LYS A 124 -14.31 13.51 -2.68
C LYS A 124 -14.08 13.79 -2.63
N ALA A 125 -13.52 12.98 -3.62
N ALA A 125 -13.43 13.09 -3.56
CA ALA A 125 -13.72 13.31 -5.02
CA ALA A 125 -13.61 13.37 -4.97
C ALA A 125 -14.62 12.33 -5.76
C ALA A 125 -14.57 12.43 -5.67
N LEU A 126 -14.78 11.12 -5.28
N LEU A 126 -14.72 11.20 -5.19
CA LEU A 126 -15.43 10.07 -6.08
CA LEU A 126 -15.55 10.20 -5.86
C LEU A 126 -16.92 10.27 -6.36
C LEU A 126 -17.03 10.52 -5.67
#